data_6BHX
#
_entry.id   6BHX
#
_cell.length_a   57.939
_cell.length_b   93.681
_cell.length_c   100.968
_cell.angle_alpha   90.00
_cell.angle_beta   90.00
_cell.angle_gamma   90.00
#
_symmetry.space_group_name_H-M   'P 21 21 21'
#
loop_
_entity.id
_entity.type
_entity.pdbx_description
1 polymer 'Single-stranded DNA-binding protein A'
2 polymer "DNA (5'-D(P*TP*TP*TP*TP*TP*TP*TP*TP*TP*TP*T)-3')"
3 water water
#
loop_
_entity_poly.entity_id
_entity_poly.type
_entity_poly.pdbx_seq_one_letter_code
_entity_poly.pdbx_strand_id
1 'polypeptide(L)'
;HHHHHHSSGLVPRGSHMLNRVVLVGRLTKDPELRYTPNGAAVATFTLAVNRTFTNQSGEREADFINCVTWRRQAENVANF
LKKGSLAGVDGRLQTRNYENQQGQRVFVTEVQAESVQFLEPKNGGGSGSGGY
;
A,B,C,D
2 'polydeoxyribonucleotide'
;(DT)(DT)(DT)(DT)(DT)(DT)(DT)(DT)(DT)(DT)(DT)(DT)(DT)(DT)(DT)(DT)(DT)(DT)(DT)(DT)
(DT)(DT)(DT)(DT)(DT)(DT)(DT)(DT)(DT)(DT)
;
E
#
loop_
_chem_comp.id
_chem_comp.type
_chem_comp.name
_chem_comp.formula
DT DNA linking THYMIDINE-5'-MONOPHOSPHATE 'C10 H15 N2 O8 P'
#
# COMPACT_ATOMS: atom_id res chain seq x y z
N GLY A 14 10.81 20.86 -0.52
CA GLY A 14 9.47 21.49 -0.32
C GLY A 14 8.69 20.84 0.82
N SER A 15 7.96 19.79 0.50
CA SER A 15 7.21 19.02 1.48
C SER A 15 7.42 17.54 1.19
N HIS A 16 6.76 16.69 1.98
CA HIS A 16 6.95 15.25 1.85
C HIS A 16 6.20 14.73 0.62
N MET A 17 6.45 13.47 0.30
CA MET A 17 5.79 12.79 -0.80
C MET A 17 5.46 11.36 -0.37
N LEU A 18 4.47 10.77 -1.04
CA LEU A 18 4.03 9.42 -0.70
C LEU A 18 5.16 8.42 -0.88
N ASN A 19 5.24 7.47 0.04
CA ASN A 19 6.22 6.39 -0.04
C ASN A 19 5.79 5.30 0.93
N ARG A 20 5.34 4.17 0.39
CA ARG A 20 4.83 3.08 1.21
C ARG A 20 5.20 1.75 0.55
N VAL A 21 5.58 0.78 1.38
CA VAL A 21 5.97 -0.55 0.92
C VAL A 21 5.40 -1.58 1.88
N VAL A 22 4.90 -2.68 1.33
CA VAL A 22 4.32 -3.76 2.12
C VAL A 22 4.77 -5.08 1.52
N LEU A 23 5.50 -5.88 2.32
CA LEU A 23 6.05 -7.15 1.87
C LEU A 23 5.64 -8.25 2.83
N VAL A 24 5.64 -9.48 2.31
CA VAL A 24 5.46 -10.68 3.12
C VAL A 24 6.37 -11.75 2.54
N GLY A 25 7.42 -12.09 3.28
CA GLY A 25 8.38 -13.08 2.82
C GLY A 25 9.02 -13.86 3.95
N ARG A 26 9.99 -14.71 3.63
CA ARG A 26 10.72 -15.49 4.61
C ARG A 26 12.14 -14.96 4.74
N LEU A 27 12.66 -14.98 5.97
CA LEU A 27 14.01 -14.50 6.21
C LEU A 27 15.03 -15.51 5.68
N THR A 28 15.93 -15.04 4.82
CA THR A 28 16.97 -15.90 4.28
C THR A 28 17.94 -16.31 5.38
N LYS A 29 18.39 -15.36 6.18
CA LYS A 29 19.29 -15.59 7.31
C LYS A 29 18.55 -15.30 8.62
N ASP A 30 19.29 -15.42 9.71
CA ASP A 30 18.75 -14.97 11.00
C ASP A 30 19.02 -13.48 11.18
N PRO A 31 18.06 -12.72 11.71
CA PRO A 31 18.26 -11.27 11.80
C PRO A 31 19.45 -10.92 12.66
N GLU A 32 20.20 -9.90 12.24
CA GLU A 32 21.38 -9.43 12.94
C GLU A 32 21.08 -8.11 13.62
N LEU A 33 21.33 -8.04 14.93
CA LEU A 33 21.05 -6.87 15.74
C LEU A 33 22.35 -6.25 16.22
N ARG A 34 22.50 -4.95 16.00
CA ARG A 34 23.62 -4.20 16.54
C ARG A 34 23.11 -2.87 17.06
N TYR A 35 23.93 -2.19 17.85
CA TYR A 35 23.58 -0.92 18.45
C TYR A 35 24.38 0.20 17.80
N THR A 36 23.68 1.26 17.38
CA THR A 36 24.31 2.39 16.72
C THR A 36 25.22 3.13 17.70
N PRO A 37 26.32 3.72 17.22
CA PRO A 37 27.15 4.54 18.11
C PRO A 37 26.37 5.58 18.89
N ASN A 38 25.25 6.06 18.35
CA ASN A 38 24.41 7.01 19.07
C ASN A 38 23.48 6.35 20.07
N GLY A 39 23.47 5.01 20.13
CA GLY A 39 22.72 4.29 21.14
C GLY A 39 21.44 3.63 20.67
N ALA A 40 21.07 3.80 19.41
CA ALA A 40 19.83 3.23 18.89
C ALA A 40 20.06 1.82 18.38
N ALA A 41 19.07 0.95 18.59
CA ALA A 41 19.15 -0.43 18.13
C ALA A 41 18.75 -0.51 16.66
N VAL A 42 19.41 -1.41 15.92
CA VAL A 42 19.18 -1.59 14.50
C VAL A 42 19.26 -3.08 14.18
N ALA A 43 18.19 -3.63 13.65
CA ALA A 43 18.16 -5.00 13.19
C ALA A 43 17.95 -5.03 11.68
N THR A 44 18.73 -5.87 11.00
CA THR A 44 18.62 -6.04 9.57
C THR A 44 18.29 -7.48 9.25
N PHE A 45 17.67 -7.68 8.09
CA PHE A 45 17.31 -9.01 7.62
C PHE A 45 16.83 -8.89 6.18
N THR A 46 16.92 -9.99 5.47
CA THR A 46 16.52 -10.06 4.07
C THR A 46 15.29 -10.95 3.94
N LEU A 47 14.25 -10.41 3.31
CA LEU A 47 13.04 -11.16 3.03
C LEU A 47 13.11 -11.74 1.63
N ALA A 48 12.66 -12.99 1.49
CA ALA A 48 12.59 -13.66 0.20
C ALA A 48 11.11 -13.80 -0.16
N VAL A 49 10.58 -12.78 -0.84
CA VAL A 49 9.19 -12.80 -1.30
C VAL A 49 9.14 -13.49 -2.65
N ASN A 50 8.17 -14.40 -2.80
CA ASN A 50 8.08 -15.19 -4.02
C ASN A 50 7.50 -14.38 -5.16
N ARG A 51 8.02 -14.59 -6.36
CA ARG A 51 7.44 -14.01 -7.55
C ARG A 51 6.14 -14.75 -7.91
N THR A 52 5.27 -14.05 -8.63
CA THR A 52 3.97 -14.58 -9.01
C THR A 52 4.01 -15.42 -10.28
N PHE A 53 5.19 -15.69 -10.83
CA PHE A 53 5.31 -16.39 -12.10
C PHE A 53 6.62 -17.18 -12.12
N THR A 54 6.74 -18.04 -13.11
CA THR A 54 7.95 -18.84 -13.30
C THR A 54 8.76 -18.29 -14.48
N GLU A 61 12.71 -16.84 -9.29
CA GLU A 61 11.57 -17.39 -8.58
C GLU A 61 11.20 -16.56 -7.35
N ALA A 62 12.11 -15.67 -6.94
CA ALA A 62 11.85 -14.86 -5.75
C ALA A 62 12.77 -13.64 -5.76
N ASP A 63 12.29 -12.58 -5.14
CA ASP A 63 13.06 -11.36 -4.91
C ASP A 63 13.58 -11.33 -3.48
N PHE A 64 14.66 -10.57 -3.28
CA PHE A 64 15.38 -10.54 -1.99
C PHE A 64 15.50 -9.09 -1.54
N ILE A 65 14.54 -8.65 -0.74
CA ILE A 65 14.48 -7.25 -0.31
C ILE A 65 15.16 -7.11 1.04
N ASN A 66 16.01 -6.09 1.17
CA ASN A 66 16.69 -5.79 2.41
C ASN A 66 15.79 -4.92 3.28
N CYS A 67 15.59 -5.33 4.53
CA CYS A 67 14.77 -4.60 5.47
C CYS A 67 15.62 -4.10 6.63
N VAL A 68 15.18 -3.00 7.23
CA VAL A 68 15.86 -2.39 8.37
C VAL A 68 14.81 -1.81 9.31
N THR A 69 14.89 -2.17 10.58
CA THR A 69 13.99 -1.66 11.59
C THR A 69 14.80 -1.24 12.81
N TRP A 70 14.19 -0.40 13.65
CA TRP A 70 14.92 0.34 14.67
C TRP A 70 14.28 0.17 16.04
N ARG A 71 15.09 0.41 17.07
CA ARG A 71 14.66 0.58 18.46
C ARG A 71 13.92 -0.68 18.92
N ARG A 72 12.76 -0.57 19.56
CA ARG A 72 12.13 -1.75 20.16
C ARG A 72 11.73 -2.74 19.09
N GLN A 73 11.23 -2.26 17.94
CA GLN A 73 10.86 -3.16 16.86
C GLN A 73 12.04 -4.02 16.45
N ALA A 74 13.26 -3.49 16.54
CA ALA A 74 14.45 -4.28 16.21
C ALA A 74 14.74 -5.31 17.29
N GLU A 75 14.58 -4.95 18.56
CA GLU A 75 14.82 -5.90 19.64
C GLU A 75 13.81 -7.05 19.60
N ASN A 76 12.59 -6.79 19.15
CA ASN A 76 11.60 -7.86 19.02
C ASN A 76 11.94 -8.78 17.87
N VAL A 77 12.44 -8.24 16.75
CA VAL A 77 12.79 -9.05 15.60
C VAL A 77 13.87 -10.07 15.97
N ALA A 78 14.92 -9.60 16.66
CA ALA A 78 16.02 -10.48 17.01
C ALA A 78 15.57 -11.60 17.95
N ASN A 79 14.54 -11.36 18.77
CA ASN A 79 14.12 -12.35 19.75
C ASN A 79 13.17 -13.38 19.17
N PHE A 80 12.33 -13.00 18.20
CA PHE A 80 11.24 -13.87 17.75
C PHE A 80 11.35 -14.30 16.30
N LEU A 81 12.30 -13.80 15.53
CA LEU A 81 12.44 -14.15 14.12
C LEU A 81 13.81 -14.75 13.85
N LYS A 82 13.82 -15.82 13.05
CA LYS A 82 15.04 -16.53 12.69
C LYS A 82 14.96 -16.91 11.22
N LYS A 83 16.00 -17.59 10.75
CA LYS A 83 16.05 -17.99 9.34
C LYS A 83 14.84 -18.83 8.97
N GLY A 84 14.21 -18.49 7.84
CA GLY A 84 13.03 -19.19 7.39
C GLY A 84 11.73 -18.67 7.96
N SER A 85 11.78 -17.75 8.93
CA SER A 85 10.56 -17.25 9.54
C SER A 85 9.75 -16.42 8.55
N LEU A 86 8.46 -16.66 8.51
CA LEU A 86 7.57 -15.86 7.68
C LEU A 86 7.22 -14.57 8.41
N ALA A 87 7.31 -13.45 7.70
CA ALA A 87 7.09 -12.15 8.31
C ALA A 87 6.67 -11.15 7.25
N GLY A 88 5.96 -10.13 7.69
CA GLY A 88 5.55 -9.04 6.80
C GLY A 88 5.95 -7.71 7.38
N VAL A 89 6.43 -6.82 6.52
CA VAL A 89 6.93 -5.52 6.93
C VAL A 89 6.11 -4.44 6.25
N ASP A 90 6.13 -3.25 6.87
CA ASP A 90 5.35 -2.10 6.42
C ASP A 90 6.19 -0.86 6.71
N GLY A 91 6.83 -0.32 5.68
CA GLY A 91 7.73 0.81 5.84
C GLY A 91 7.82 1.65 4.60
N ARG A 92 8.94 2.37 4.46
CA ARG A 92 9.23 3.22 3.32
C ARG A 92 10.47 2.72 2.60
N LEU A 93 10.60 3.10 1.34
CA LEU A 93 11.71 2.69 0.51
C LEU A 93 12.73 3.84 0.45
N GLN A 94 13.92 3.59 0.98
CA GLN A 94 14.97 4.60 1.03
C GLN A 94 16.25 4.05 0.44
N THR A 95 17.01 4.94 -0.20
CA THR A 95 18.28 4.60 -0.82
C THR A 95 19.40 5.20 0.01
N ARG A 96 20.26 4.34 0.55
CA ARG A 96 21.44 4.76 1.29
C ARG A 96 22.68 4.64 0.40
N ASN A 97 23.74 5.32 0.82
CA ASN A 97 24.94 5.41 0.00
C ASN A 97 26.18 5.42 0.89
N TYR A 98 27.17 4.63 0.53
CA TYR A 98 28.45 4.63 1.24
C TYR A 98 29.52 3.91 0.43
N GLY A 103 34.00 -4.00 -1.26
CA GLY A 103 33.07 -3.11 -0.56
C GLY A 103 33.65 -1.72 -0.34
N GLN A 104 33.32 -0.80 -1.24
CA GLN A 104 33.81 0.56 -1.15
C GLN A 104 32.68 1.58 -1.33
N ARG A 105 31.99 1.52 -2.47
CA ARG A 105 30.89 2.43 -2.78
C ARG A 105 29.67 1.58 -3.13
N VAL A 106 28.78 1.39 -2.17
CA VAL A 106 27.62 0.53 -2.31
C VAL A 106 26.37 1.39 -2.34
N PHE A 107 25.49 1.14 -3.31
CA PHE A 107 24.20 1.82 -3.41
C PHE A 107 23.15 0.90 -2.81
N VAL A 108 22.78 1.17 -1.57
CA VAL A 108 21.83 0.33 -0.84
C VAL A 108 20.42 0.81 -1.14
N THR A 109 19.53 -0.13 -1.48
CA THR A 109 18.10 0.11 -1.55
C THR A 109 17.45 -0.84 -0.57
N GLU A 110 16.82 -0.28 0.47
CA GLU A 110 16.29 -1.07 1.56
C GLU A 110 14.94 -0.50 1.99
N VAL A 111 14.22 -1.28 2.79
CA VAL A 111 12.92 -0.88 3.32
C VAL A 111 13.12 -0.51 4.79
N GLN A 112 12.80 0.73 5.14
CA GLN A 112 12.82 1.17 6.53
C GLN A 112 11.50 0.75 7.16
N ALA A 113 11.51 -0.40 7.85
CA ALA A 113 10.29 -1.01 8.33
C ALA A 113 9.80 -0.27 9.57
N GLU A 114 8.59 0.30 9.48
CA GLU A 114 7.95 0.91 10.63
C GLU A 114 7.19 -0.12 11.46
N SER A 115 6.71 -1.18 10.82
CA SER A 115 6.01 -2.26 11.50
C SER A 115 6.55 -3.59 10.99
N VAL A 116 6.54 -4.59 11.88
CA VAL A 116 6.95 -5.95 11.53
C VAL A 116 5.95 -6.90 12.17
N GLN A 117 5.21 -7.64 11.34
CA GLN A 117 4.21 -8.59 11.81
C GLN A 117 4.81 -9.99 11.80
N PHE A 118 4.67 -10.70 12.91
CA PHE A 118 5.15 -12.06 13.04
C PHE A 118 4.05 -13.03 12.60
N LEU A 119 4.34 -13.82 11.57
CA LEU A 119 3.38 -14.78 11.04
C LEU A 119 3.77 -16.20 11.47
N GLU A 120 3.82 -16.39 12.77
CA GLU A 120 4.20 -17.65 13.41
C GLU A 120 2.97 -18.33 14.01
N PRO A 121 3.12 -19.56 14.50
CA PRO A 121 1.98 -20.25 15.12
C PRO A 121 1.53 -19.58 16.41
N GLY B 14 -12.89 8.70 -17.40
CA GLY B 14 -12.46 8.81 -15.97
C GLY B 14 -11.04 8.30 -15.75
N SER B 15 -10.08 9.23 -15.77
CA SER B 15 -8.68 8.86 -15.58
C SER B 15 -8.48 8.15 -14.26
N HIS B 16 -7.67 7.09 -14.28
CA HIS B 16 -7.47 6.26 -13.10
C HIS B 16 -6.64 7.01 -12.05
N MET B 17 -6.75 6.53 -10.81
CA MET B 17 -6.04 7.12 -9.68
C MET B 17 -5.54 6.01 -8.77
N LEU B 18 -4.50 6.34 -7.99
CA LEU B 18 -3.91 5.35 -7.10
C LEU B 18 -4.91 4.91 -6.05
N ASN B 19 -5.16 3.60 -6.00
CA ASN B 19 -6.11 3.03 -5.04
C ASN B 19 -5.57 1.65 -4.67
N ARG B 20 -4.97 1.55 -3.48
CA ARG B 20 -4.32 0.33 -3.05
C ARG B 20 -4.63 0.07 -1.59
N VAL B 21 -4.91 -1.19 -1.26
CA VAL B 21 -5.15 -1.63 0.10
C VAL B 21 -4.41 -2.94 0.31
N VAL B 22 -3.84 -3.12 1.50
CA VAL B 22 -3.23 -4.39 1.88
C VAL B 22 -3.58 -4.65 3.33
N LEU B 23 -4.04 -5.87 3.62
CA LEU B 23 -4.48 -6.23 4.96
C LEU B 23 -4.02 -7.63 5.28
N VAL B 24 -3.93 -7.92 6.59
CA VAL B 24 -3.70 -9.27 7.10
C VAL B 24 -4.58 -9.41 8.32
N GLY B 25 -5.58 -10.28 8.25
CA GLY B 25 -6.50 -10.48 9.35
C GLY B 25 -7.05 -11.89 9.39
N ARG B 26 -8.05 -12.13 10.23
CA ARG B 26 -8.64 -13.44 10.41
C ARG B 26 -10.14 -13.36 10.11
N LEU B 27 -10.63 -14.31 9.33
CA LEU B 27 -12.04 -14.30 8.93
C LEU B 27 -12.94 -14.38 10.14
N THR B 28 -13.99 -13.55 10.14
CA THR B 28 -14.98 -13.59 11.20
C THR B 28 -15.87 -14.83 11.09
N LYS B 29 -16.05 -15.34 9.87
CA LYS B 29 -16.81 -16.56 9.63
C LYS B 29 -16.36 -17.12 8.29
N ASP B 30 -16.95 -18.25 7.91
CA ASP B 30 -16.59 -18.87 6.65
C ASP B 30 -16.96 -17.95 5.48
N PRO B 31 -16.23 -18.02 4.38
CA PRO B 31 -16.58 -17.19 3.22
C PRO B 31 -17.83 -17.70 2.53
N GLU B 32 -18.77 -16.80 2.30
CA GLU B 32 -20.01 -17.14 1.60
C GLU B 32 -19.80 -17.06 0.11
N LEU B 33 -20.11 -18.15 -0.59
CA LEU B 33 -19.92 -18.25 -2.04
C LEU B 33 -21.25 -18.07 -2.74
N ARG B 34 -21.30 -17.12 -3.67
CA ARG B 34 -22.47 -16.89 -4.51
C ARG B 34 -22.07 -17.07 -5.98
N TYR B 35 -23.04 -16.92 -6.86
CA TYR B 35 -22.82 -17.04 -8.29
C TYR B 35 -23.59 -15.93 -9.02
N THR B 36 -22.91 -15.29 -9.97
CA THR B 36 -23.53 -14.25 -10.75
C THR B 36 -24.61 -14.85 -11.66
N PRO B 37 -25.65 -14.08 -11.98
CA PRO B 37 -26.64 -14.59 -12.96
C PRO B 37 -26.01 -15.13 -14.22
N ASN B 38 -24.86 -14.60 -14.63
CA ASN B 38 -24.16 -15.09 -15.80
C ASN B 38 -23.18 -16.23 -15.49
N GLY B 39 -23.05 -16.60 -14.22
CA GLY B 39 -22.29 -17.78 -13.84
C GLY B 39 -20.94 -17.54 -13.22
N ALA B 40 -20.59 -16.29 -12.92
CA ALA B 40 -19.28 -16.01 -12.34
C ALA B 40 -19.28 -16.32 -10.84
N ALA B 41 -18.13 -16.79 -10.35
CA ALA B 41 -17.97 -17.12 -8.94
C ALA B 41 -17.56 -15.87 -8.17
N VAL B 42 -18.24 -15.63 -7.05
CA VAL B 42 -17.96 -14.49 -6.18
C VAL B 42 -17.98 -14.96 -4.74
N ALA B 43 -16.91 -14.68 -4.01
CA ALA B 43 -16.79 -15.06 -2.61
C ALA B 43 -16.54 -13.81 -1.78
N THR B 44 -17.26 -13.69 -0.66
CA THR B 44 -17.11 -12.58 0.25
C THR B 44 -16.72 -13.10 1.62
N PHE B 45 -16.04 -12.25 2.39
CA PHE B 45 -15.64 -12.59 3.75
C PHE B 45 -15.21 -11.31 4.46
N THR B 46 -15.33 -11.31 5.77
CA THR B 46 -14.92 -10.19 6.60
C THR B 46 -13.67 -10.57 7.37
N LEU B 47 -12.64 -9.72 7.29
CA LEU B 47 -11.39 -9.94 8.01
C LEU B 47 -11.36 -9.09 9.27
N ALA B 48 -10.93 -9.69 10.37
CA ALA B 48 -10.74 -8.99 11.64
C ALA B 48 -9.26 -8.62 11.74
N VAL B 49 -8.95 -7.37 11.47
CA VAL B 49 -7.58 -6.87 11.45
C VAL B 49 -7.33 -6.25 12.83
N ASN B 50 -6.62 -6.99 13.68
CA ASN B 50 -6.43 -6.57 15.06
C ASN B 50 -5.56 -5.33 15.15
N ARG B 51 -6.07 -4.30 15.84
CA ARG B 51 -5.19 -3.22 16.28
C ARG B 51 -4.34 -3.66 17.45
N THR B 52 -4.93 -4.45 18.36
CA THR B 52 -4.28 -4.85 19.60
C THR B 52 -4.63 -6.31 19.88
N PHE B 53 -3.99 -6.86 20.91
CA PHE B 53 -4.30 -8.22 21.36
C PHE B 53 -4.73 -8.20 22.83
N GLU B 61 -9.26 -4.63 20.71
CA GLU B 61 -9.93 -3.92 19.63
C GLU B 61 -9.43 -4.40 18.27
N ALA B 62 -10.30 -4.35 17.27
CA ALA B 62 -9.96 -4.77 15.92
C ALA B 62 -10.92 -4.12 14.95
N ASP B 63 -10.51 -4.07 13.69
CA ASP B 63 -11.34 -3.56 12.59
C ASP B 63 -11.82 -4.73 11.76
N PHE B 64 -13.05 -4.64 11.27
CA PHE B 64 -13.71 -5.71 10.54
C PHE B 64 -14.05 -5.22 9.13
N ILE B 65 -13.17 -5.52 8.18
CA ILE B 65 -13.29 -5.03 6.81
C ILE B 65 -13.92 -6.12 5.95
N ASN B 66 -14.81 -5.71 5.05
CA ASN B 66 -15.46 -6.62 4.13
C ASN B 66 -14.67 -6.69 2.84
N CYS B 67 -14.44 -7.91 2.34
CA CYS B 67 -13.65 -8.14 1.14
C CYS B 67 -14.43 -9.01 0.18
N VAL B 68 -14.29 -8.73 -1.12
CA VAL B 68 -14.92 -9.52 -2.17
C VAL B 68 -13.85 -10.02 -3.11
N THR B 69 -14.07 -11.22 -3.65
CA THR B 69 -13.16 -11.81 -4.62
C THR B 69 -13.98 -12.53 -5.68
N TRP B 70 -13.37 -12.71 -6.87
CA TRP B 70 -14.09 -13.15 -8.05
C TRP B 70 -13.35 -14.28 -8.75
N ARG B 71 -14.10 -14.95 -9.64
CA ARG B 71 -13.56 -15.96 -10.59
C ARG B 71 -12.71 -16.97 -9.80
N ARG B 72 -11.53 -17.33 -10.29
CA ARG B 72 -10.74 -18.38 -9.65
C ARG B 72 -10.38 -18.04 -8.21
N GLN B 73 -10.21 -16.76 -7.90
CA GLN B 73 -9.85 -16.37 -6.54
C GLN B 73 -10.98 -16.65 -5.55
N ALA B 74 -12.23 -16.45 -6.00
CA ALA B 74 -13.36 -16.80 -5.14
C ALA B 74 -13.47 -18.30 -4.94
N GLU B 75 -13.10 -19.09 -5.96
CA GLU B 75 -13.10 -20.54 -5.82
C GLU B 75 -12.12 -20.98 -4.73
N ASN B 76 -10.91 -20.40 -4.74
CA ASN B 76 -9.90 -20.80 -3.77
C ASN B 76 -10.29 -20.38 -2.35
N VAL B 77 -10.82 -19.15 -2.20
CA VAL B 77 -11.29 -18.72 -0.89
C VAL B 77 -12.32 -19.70 -0.35
N ALA B 78 -13.25 -20.13 -1.20
CA ALA B 78 -14.29 -21.05 -0.76
C ALA B 78 -13.73 -22.42 -0.38
N ASN B 79 -12.65 -22.84 -1.03
CA ASN B 79 -12.10 -24.17 -0.79
C ASN B 79 -11.07 -24.21 0.34
N PHE B 80 -10.30 -23.14 0.53
CA PHE B 80 -9.15 -23.17 1.41
C PHE B 80 -9.26 -22.27 2.64
N LEU B 81 -10.36 -21.57 2.83
CA LEU B 81 -10.49 -20.63 3.95
C LEU B 81 -11.77 -20.90 4.72
N LYS B 82 -11.66 -20.99 6.03
CA LYS B 82 -12.81 -21.13 6.93
C LYS B 82 -12.68 -20.04 7.99
N LYS B 83 -13.44 -20.17 9.07
CA LYS B 83 -13.41 -19.16 10.12
C LYS B 83 -12.07 -19.18 10.85
N GLY B 84 -11.64 -18.00 11.29
CA GLY B 84 -10.40 -17.86 12.02
C GLY B 84 -9.15 -18.08 11.20
N SER B 85 -9.26 -18.14 9.88
CA SER B 85 -8.11 -18.39 9.03
C SER B 85 -7.35 -17.08 8.79
N LEU B 86 -6.03 -17.14 8.95
CA LEU B 86 -5.18 -15.99 8.68
C LEU B 86 -5.00 -15.83 7.18
N ALA B 87 -5.31 -14.64 6.66
CA ALA B 87 -5.25 -14.39 5.23
C ALA B 87 -4.79 -12.96 4.97
N GLY B 88 -4.06 -12.79 3.88
CA GLY B 88 -3.66 -11.48 3.40
C GLY B 88 -4.37 -11.17 2.10
N VAL B 89 -4.79 -9.91 1.95
CA VAL B 89 -5.49 -9.46 0.76
C VAL B 89 -4.77 -8.24 0.19
N ASP B 90 -4.83 -8.10 -1.12
CA ASP B 90 -4.29 -6.94 -1.83
C ASP B 90 -5.25 -6.57 -2.92
N GLY B 91 -5.76 -5.34 -2.88
CA GLY B 91 -6.70 -4.91 -3.90
C GLY B 91 -7.00 -3.44 -3.80
N ARG B 92 -8.16 -3.06 -4.33
CA ARG B 92 -8.62 -1.69 -4.33
C ARG B 92 -9.67 -1.48 -3.23
N LEU B 93 -10.09 -0.23 -3.08
CA LEU B 93 -11.10 0.15 -2.10
C LEU B 93 -12.28 0.76 -2.86
N GLN B 94 -13.37 0.01 -2.95
CA GLN B 94 -14.52 0.40 -3.76
C GLN B 94 -15.79 0.43 -2.92
N THR B 95 -16.69 1.35 -3.28
CA THR B 95 -18.02 1.40 -2.68
C THR B 95 -18.99 0.58 -3.52
N ARG B 96 -20.13 0.25 -2.92
CA ARG B 96 -21.08 -0.66 -3.52
C ARG B 96 -22.47 -0.32 -3.01
N ASN B 97 -23.48 -0.64 -3.83
CA ASN B 97 -24.87 -0.44 -3.45
C ASN B 97 -25.63 -1.74 -3.61
N TYR B 98 -26.49 -2.02 -2.64
CA TYR B 98 -27.36 -3.20 -2.67
C TYR B 98 -28.56 -2.90 -1.78
N GLU B 99 -29.41 -3.91 -1.59
CA GLU B 99 -30.60 -3.75 -0.75
C GLU B 99 -30.41 -4.47 0.58
N GLN B 101 -30.99 -3.72 4.05
CA GLN B 101 -30.94 -5.16 3.85
C GLN B 101 -32.30 -5.72 3.47
N GLN B 102 -33.19 -5.83 4.45
CA GLN B 102 -34.57 -6.25 4.22
C GLN B 102 -35.48 -5.01 4.15
N GLY B 103 -35.12 -4.12 3.23
CA GLY B 103 -35.81 -2.85 3.09
C GLY B 103 -35.03 -1.86 2.24
N GLN B 104 -34.55 -0.79 2.86
CA GLN B 104 -33.87 0.27 2.13
C GLN B 104 -32.48 -0.19 1.70
N ARG B 105 -31.85 0.66 0.88
CA ARG B 105 -30.53 0.34 0.33
C ARG B 105 -29.42 0.70 1.32
N VAL B 106 -28.30 0.00 1.19
CA VAL B 106 -27.12 0.24 2.02
C VAL B 106 -25.98 0.67 1.10
N PHE B 107 -25.06 1.45 1.64
CA PHE B 107 -23.92 1.99 0.91
C PHE B 107 -22.64 1.51 1.62
N VAL B 108 -22.13 0.35 1.20
CA VAL B 108 -20.99 -0.27 1.86
C VAL B 108 -19.68 0.19 1.22
N THR B 109 -18.58 -0.06 1.92
CA THR B 109 -17.24 0.14 1.40
C THR B 109 -16.48 -1.17 1.57
N GLU B 110 -16.07 -1.77 0.47
CA GLU B 110 -15.44 -3.08 0.48
C GLU B 110 -14.05 -3.01 -0.12
N VAL B 111 -13.33 -4.13 -0.03
CA VAL B 111 -12.01 -4.29 -0.61
C VAL B 111 -12.11 -5.32 -1.73
N GLN B 112 -11.89 -4.89 -2.96
CA GLN B 112 -11.90 -5.79 -4.12
C GLN B 112 -10.58 -6.52 -4.16
N ALA B 113 -10.53 -7.69 -3.54
CA ALA B 113 -9.30 -8.45 -3.44
C ALA B 113 -8.86 -8.92 -4.83
N GLU B 114 -7.83 -8.26 -5.37
CA GLU B 114 -7.23 -8.75 -6.62
C GLU B 114 -6.42 -10.01 -6.38
N SER B 115 -5.70 -10.07 -5.26
CA SER B 115 -4.91 -11.23 -4.90
C SER B 115 -5.09 -11.52 -3.42
N VAL B 116 -5.08 -12.80 -3.06
CA VAL B 116 -5.28 -13.23 -1.68
C VAL B 116 -4.26 -14.30 -1.35
N GLN B 117 -3.38 -14.01 -0.39
CA GLN B 117 -2.37 -14.96 0.04
C GLN B 117 -2.90 -15.78 1.21
N PHE B 118 -2.73 -17.11 1.13
CA PHE B 118 -3.16 -18.01 2.18
C PHE B 118 -1.99 -18.27 3.12
N LEU B 119 -2.24 -18.13 4.42
CA LEU B 119 -1.19 -18.25 5.42
C LEU B 119 -1.53 -19.32 6.46
N GLY C 14 -2.50 1.15 18.67
CA GLY C 14 -2.03 -0.26 18.47
C GLY C 14 -1.45 -0.48 17.09
N SER C 15 -2.32 -0.73 16.11
CA SER C 15 -1.91 -0.95 14.73
C SER C 15 -0.89 -2.09 14.64
N HIS C 16 -1.29 -3.25 15.14
CA HIS C 16 -0.37 -4.37 15.28
C HIS C 16 -0.34 -5.24 14.02
N MET C 17 -1.50 -5.76 13.61
CA MET C 17 -1.56 -6.51 12.36
C MET C 17 -1.51 -5.56 11.17
N LEU C 18 -1.13 -6.11 10.03
CA LEU C 18 -0.80 -5.29 8.86
C LEU C 18 -2.06 -4.67 8.26
N ASN C 19 -2.00 -3.37 8.00
CA ASN C 19 -3.17 -2.62 7.55
C ASN C 19 -2.68 -1.29 6.97
N ARG C 20 -2.84 -1.11 5.65
CA ARG C 20 -2.35 0.10 5.01
C ARG C 20 -3.24 0.47 3.83
N VAL C 21 -3.42 1.77 3.61
CA VAL C 21 -4.21 2.29 2.51
C VAL C 21 -3.45 3.47 1.89
N VAL C 22 -3.48 3.55 0.57
CA VAL C 22 -2.94 4.70 -0.15
C VAL C 22 -3.96 5.09 -1.22
N LEU C 23 -4.36 6.35 -1.21
CA LEU C 23 -5.40 6.84 -2.11
C LEU C 23 -5.00 8.17 -2.71
N VAL C 24 -5.56 8.47 -3.87
CA VAL C 24 -5.42 9.76 -4.54
C VAL C 24 -6.76 10.08 -5.17
N GLY C 25 -7.38 11.18 -4.73
CA GLY C 25 -8.69 11.53 -5.23
C GLY C 25 -8.96 13.01 -5.07
N ARG C 26 -10.17 13.40 -5.49
CA ARG C 26 -10.62 14.78 -5.42
C ARG C 26 -11.61 14.95 -4.28
N LEU C 27 -11.47 16.04 -3.53
CA LEU C 27 -12.41 16.32 -2.45
C LEU C 27 -13.79 16.65 -3.03
N THR C 28 -14.81 15.96 -2.53
CA THR C 28 -16.18 16.20 -2.99
C THR C 28 -16.79 17.42 -2.32
N LYS C 29 -16.46 17.66 -1.05
CA LYS C 29 -16.92 18.82 -0.32
C LYS C 29 -15.74 19.45 0.39
N ASP C 30 -15.92 20.71 0.81
CA ASP C 30 -14.87 21.38 1.55
C ASP C 30 -14.62 20.67 2.88
N PRO C 31 -13.38 20.67 3.38
CA PRO C 31 -13.10 19.99 4.65
C PRO C 31 -13.95 20.53 5.79
N GLU C 32 -14.12 19.70 6.81
CA GLU C 32 -14.83 20.06 8.03
C GLU C 32 -13.87 19.93 9.21
N LEU C 33 -13.55 21.04 9.84
CA LEU C 33 -12.63 21.08 10.98
C LEU C 33 -13.42 21.34 12.25
N ARG C 34 -13.37 20.39 13.18
CA ARG C 34 -13.91 20.55 14.52
C ARG C 34 -12.80 20.31 15.53
N TYR C 35 -13.15 20.42 16.82
CA TYR C 35 -12.19 20.22 17.90
C TYR C 35 -12.79 19.28 18.94
N THR C 36 -11.98 18.33 19.39
CA THR C 36 -12.39 17.30 20.33
C THR C 36 -12.37 17.85 21.76
N PRO C 37 -13.02 17.14 22.70
CA PRO C 37 -12.88 17.49 24.12
C PRO C 37 -11.52 18.03 24.50
N ASN C 38 -10.46 17.31 24.12
CA ASN C 38 -9.10 17.72 24.43
C ASN C 38 -8.66 18.97 23.68
N GLY C 39 -9.48 19.52 22.80
CA GLY C 39 -9.09 20.67 22.00
C GLY C 39 -8.18 20.35 20.85
N ALA C 40 -8.03 19.06 20.49
CA ALA C 40 -7.19 18.68 19.37
C ALA C 40 -7.93 18.87 18.05
N ALA C 41 -7.16 19.10 16.99
CA ALA C 41 -7.73 19.37 15.68
C ALA C 41 -8.13 18.08 14.98
N VAL C 42 -9.31 18.10 14.36
CA VAL C 42 -9.84 16.95 13.63
C VAL C 42 -10.43 17.45 12.33
N ALA C 43 -9.96 16.90 11.21
CA ALA C 43 -10.44 17.27 9.88
C ALA C 43 -11.05 16.04 9.21
N THR C 44 -12.24 16.21 8.64
CA THR C 44 -12.93 15.14 7.95
C THR C 44 -13.28 15.60 6.53
N PHE C 45 -12.85 14.82 5.54
CA PHE C 45 -13.11 15.13 4.15
C PHE C 45 -13.41 13.84 3.40
N THR C 46 -13.91 14.00 2.18
CA THR C 46 -14.31 12.87 1.35
C THR C 46 -13.64 12.99 -0.01
N LEU C 47 -13.10 11.87 -0.50
CA LEU C 47 -12.40 11.82 -1.77
C LEU C 47 -13.26 11.12 -2.81
N ALA C 48 -13.06 11.49 -4.07
CA ALA C 48 -13.69 10.84 -5.22
C ALA C 48 -12.60 10.15 -6.02
N VAL C 49 -12.44 8.85 -5.80
CA VAL C 49 -11.37 8.08 -6.42
C VAL C 49 -11.91 7.49 -7.73
N ASN C 50 -11.31 7.90 -8.84
CA ASN C 50 -11.81 7.50 -10.15
C ASN C 50 -11.54 6.03 -10.43
N ARG C 51 -12.45 5.41 -11.17
CA ARG C 51 -12.29 4.05 -11.64
C ARG C 51 -11.56 4.04 -12.98
N THR C 52 -11.30 2.83 -13.49
CA THR C 52 -10.62 2.67 -14.77
C THR C 52 -11.49 1.86 -15.74
N PHE C 53 -12.71 2.33 -15.97
CA PHE C 53 -13.65 1.63 -16.83
C PHE C 53 -13.93 0.23 -16.30
N ARG C 60 -21.06 2.84 -11.80
CA ARG C 60 -20.28 3.75 -10.95
C ARG C 60 -18.87 3.90 -11.51
N GLU C 61 -18.43 5.15 -11.66
CA GLU C 61 -17.13 5.46 -12.24
C GLU C 61 -16.18 6.12 -11.26
N ALA C 62 -16.59 6.32 -10.00
CA ALA C 62 -15.69 6.82 -8.97
C ALA C 62 -16.19 6.34 -7.62
N ASP C 63 -15.28 6.29 -6.65
CA ASP C 63 -15.56 5.77 -5.32
C ASP C 63 -15.45 6.88 -4.29
N PHE C 64 -16.43 6.94 -3.38
CA PHE C 64 -16.46 7.96 -2.33
C PHE C 64 -15.86 7.36 -1.06
N ILE C 65 -14.71 7.88 -0.65
CA ILE C 65 -13.99 7.38 0.52
C ILE C 65 -13.89 8.51 1.55
N ASN C 66 -14.29 8.22 2.78
CA ASN C 66 -14.21 9.18 3.87
C ASN C 66 -12.85 9.07 4.55
N CYS C 67 -12.24 10.22 4.82
CA CYS C 67 -10.92 10.29 5.43
C CYS C 67 -10.96 11.12 6.70
N VAL C 68 -9.97 10.89 7.56
CA VAL C 68 -9.84 11.60 8.83
C VAL C 68 -8.36 11.86 9.08
N THR C 69 -8.06 13.04 9.63
CA THR C 69 -6.71 13.37 10.03
C THR C 69 -6.77 14.21 11.31
N TRP C 70 -5.64 14.33 11.99
CA TRP C 70 -5.60 14.91 13.32
C TRP C 70 -4.43 15.87 13.45
N ARG C 71 -4.50 16.70 14.50
CA ARG C 71 -3.39 17.55 14.94
C ARG C 71 -2.96 18.45 13.78
N ARG C 72 -1.68 18.83 13.76
CA ARG C 72 -1.18 19.76 12.74
C ARG C 72 -1.54 19.29 11.34
N GLN C 73 -1.57 17.98 11.10
CA GLN C 73 -1.93 17.48 9.79
C GLN C 73 -3.36 17.87 9.43
N ALA C 74 -4.23 18.06 10.43
CA ALA C 74 -5.60 18.48 10.18
C ALA C 74 -5.72 19.99 9.99
N GLU C 75 -4.85 20.76 10.64
CA GLU C 75 -4.85 22.20 10.42
C GLU C 75 -4.49 22.54 8.99
N ASN C 76 -3.46 21.89 8.45
CA ASN C 76 -3.02 22.17 7.08
C ASN C 76 -4.08 21.78 6.06
N VAL C 77 -4.89 20.76 6.36
CA VAL C 77 -5.94 20.35 5.44
C VAL C 77 -6.96 21.48 5.27
N ALA C 78 -7.47 22.01 6.39
CA ALA C 78 -8.50 23.04 6.33
C ALA C 78 -7.98 24.30 5.65
N ASN C 79 -6.67 24.56 5.70
CA ASN C 79 -6.10 25.76 5.12
C ASN C 79 -5.80 25.59 3.63
N PHE C 80 -5.11 24.51 3.27
CA PHE C 80 -4.66 24.35 1.90
C PHE C 80 -5.75 23.74 1.01
N LEU C 81 -6.50 22.77 1.53
CA LEU C 81 -7.41 21.99 0.70
C LEU C 81 -8.81 22.59 0.68
N LYS C 82 -9.38 22.65 -0.51
CA LYS C 82 -10.75 23.11 -0.75
C LYS C 82 -11.46 22.06 -1.59
N LYS C 83 -12.76 22.27 -1.80
CA LYS C 83 -13.52 21.36 -2.66
C LYS C 83 -12.90 21.32 -4.04
N GLY C 84 -12.63 20.10 -4.52
CA GLY C 84 -12.08 19.88 -5.84
C GLY C 84 -10.57 19.71 -5.88
N SER C 85 -9.87 20.01 -4.78
CA SER C 85 -8.42 19.86 -4.76
C SER C 85 -8.03 18.39 -4.88
N LEU C 86 -6.85 18.16 -5.45
CA LEU C 86 -6.30 16.82 -5.60
C LEU C 86 -5.39 16.52 -4.41
N ALA C 87 -5.69 15.44 -3.70
CA ALA C 87 -4.98 15.11 -2.47
C ALA C 87 -4.60 13.64 -2.47
N GLY C 88 -3.48 13.34 -1.83
CA GLY C 88 -3.04 11.97 -1.63
C GLY C 88 -2.87 11.64 -0.16
N VAL C 89 -3.55 10.59 0.29
CA VAL C 89 -3.55 10.21 1.70
C VAL C 89 -2.90 8.85 1.84
N ASP C 90 -2.32 8.63 3.03
CA ASP C 90 -1.68 7.36 3.37
C ASP C 90 -1.99 7.07 4.83
N GLY C 91 -2.74 6.01 5.08
CA GLY C 91 -3.14 5.68 6.44
C GLY C 91 -3.65 4.26 6.57
N ARG C 92 -4.62 4.08 7.45
CA ARG C 92 -5.15 2.79 7.82
C ARG C 92 -6.64 2.73 7.49
N LEU C 93 -7.19 1.51 7.55
CA LEU C 93 -8.62 1.31 7.52
C LEU C 93 -9.14 1.17 8.95
N GLN C 94 -10.21 1.89 9.26
CA GLN C 94 -10.84 1.81 10.57
C GLN C 94 -12.34 1.73 10.38
N THR C 95 -12.97 0.78 11.06
CA THR C 95 -14.40 0.55 10.93
C THR C 95 -15.15 1.12 12.13
N ARG C 96 -16.47 1.11 12.02
CA ARG C 96 -17.36 1.70 13.00
C ARG C 96 -18.75 1.15 12.77
N ASN C 97 -19.54 1.09 13.84
CA ASN C 97 -20.94 0.70 13.74
C ASN C 97 -21.75 1.55 14.70
N TYR C 98 -22.77 2.21 14.17
CA TYR C 98 -23.66 3.05 14.97
C TYR C 98 -25.10 2.76 14.57
N GLU C 99 -26.02 3.13 15.46
CA GLU C 99 -27.44 3.01 15.21
C GLU C 99 -28.00 4.36 14.81
N ASN C 100 -28.66 4.43 13.65
CA ASN C 100 -29.24 5.67 13.18
C ASN C 100 -30.60 5.90 13.84
N GLN C 101 -31.32 6.92 13.40
CA GLN C 101 -32.63 7.21 13.98
C GLN C 101 -33.66 6.16 13.58
N GLN C 102 -33.49 5.53 12.41
CA GLN C 102 -34.38 4.46 11.98
C GLN C 102 -34.25 3.22 12.85
N GLY C 103 -33.30 3.18 13.78
CA GLY C 103 -33.11 2.02 14.62
C GLY C 103 -32.32 0.89 13.99
N GLN C 104 -31.69 1.12 12.85
CA GLN C 104 -30.91 0.11 12.15
C GLN C 104 -29.43 0.35 12.37
N ARG C 105 -28.69 -0.74 12.61
CA ARG C 105 -27.26 -0.66 12.87
C ARG C 105 -26.52 -0.48 11.54
N VAL C 106 -25.87 0.67 11.38
CA VAL C 106 -25.10 1.00 10.19
C VAL C 106 -23.65 0.59 10.41
N PHE C 107 -22.96 0.26 9.32
CA PHE C 107 -21.55 -0.11 9.35
C PHE C 107 -20.78 0.82 8.43
N VAL C 108 -19.67 1.36 8.95
CA VAL C 108 -18.95 2.43 8.29
C VAL C 108 -17.46 2.07 8.22
N THR C 109 -16.85 2.34 7.08
CA THR C 109 -15.40 2.20 6.90
C THR C 109 -14.85 3.54 6.43
N GLU C 110 -13.73 3.95 7.02
CA GLU C 110 -13.10 5.22 6.64
C GLU C 110 -11.61 5.11 6.87
N VAL C 111 -10.86 5.97 6.18
CA VAL C 111 -9.41 5.92 6.20
C VAL C 111 -8.90 6.89 7.26
N GLN C 112 -8.02 6.40 8.13
CA GLN C 112 -7.36 7.24 9.13
C GLN C 112 -6.10 7.80 8.48
N ALA C 113 -6.26 8.92 7.79
CA ALA C 113 -5.17 9.51 7.00
C ALA C 113 -4.01 9.93 7.89
N GLU C 114 -2.96 9.09 7.96
CA GLU C 114 -1.78 9.44 8.74
C GLU C 114 -0.94 10.49 8.03
N SER C 115 -0.68 10.29 6.74
CA SER C 115 0.04 11.25 5.92
C SER C 115 -0.89 11.79 4.84
N VAL C 116 -0.68 13.06 4.48
CA VAL C 116 -1.48 13.72 3.46
C VAL C 116 -0.55 14.54 2.58
N GLN C 117 -0.73 14.44 1.26
CA GLN C 117 0.09 15.15 0.30
C GLN C 117 -0.80 16.07 -0.53
N PHE C 118 -0.35 17.31 -0.71
CA PHE C 118 -1.07 18.29 -1.52
C PHE C 118 -0.47 18.30 -2.92
N LEU C 119 -1.34 18.24 -3.93
CA LEU C 119 -0.91 17.99 -5.30
C LEU C 119 -1.31 19.09 -6.28
N GLU C 120 -2.22 19.99 -5.92
CA GLU C 120 -2.65 21.01 -6.85
C GLU C 120 -1.50 21.96 -7.17
N PRO C 121 -1.59 22.72 -8.28
CA PRO C 121 -0.56 23.70 -8.66
C PRO C 121 0.02 24.47 -7.48
N MET D 17 3.07 -14.45 -2.76
CA MET D 17 3.35 -13.64 -1.53
C MET D 17 3.12 -12.16 -1.80
N LEU D 18 2.75 -11.42 -0.76
CA LEU D 18 2.42 -10.01 -0.91
C LEU D 18 3.65 -9.19 -1.25
N ASN D 19 3.49 -8.25 -2.17
CA ASN D 19 4.59 -7.38 -2.60
C ASN D 19 3.95 -6.20 -3.31
N ARG D 20 3.94 -5.04 -2.64
CA ARG D 20 3.24 -3.87 -3.15
C ARG D 20 4.05 -2.62 -2.84
N VAL D 21 4.16 -1.74 -3.82
CA VAL D 21 4.88 -0.48 -3.68
C VAL D 21 4.02 0.65 -4.25
N VAL D 22 4.00 1.78 -3.55
CA VAL D 22 3.34 2.98 -4.03
C VAL D 22 4.26 4.15 -3.75
N LEU D 23 4.56 4.94 -4.79
CA LEU D 23 5.48 6.06 -4.68
C LEU D 23 4.91 7.25 -5.44
N VAL D 24 5.33 8.44 -5.03
CA VAL D 24 5.03 9.67 -5.74
C VAL D 24 6.28 10.52 -5.71
N GLY D 25 6.88 10.75 -6.88
CA GLY D 25 8.08 11.56 -6.97
C GLY D 25 8.13 12.38 -8.25
N ARG D 26 9.26 13.04 -8.48
CA ARG D 26 9.51 13.77 -9.72
C ARG D 26 10.59 13.07 -10.52
N LEU D 27 10.38 12.97 -11.83
CA LEU D 27 11.36 12.33 -12.69
C LEU D 27 12.64 13.15 -12.72
N THR D 28 13.78 12.48 -12.58
CA THR D 28 15.08 13.13 -12.63
C THR D 28 15.54 13.41 -14.04
N LYS D 29 15.05 12.65 -15.02
CA LYS D 29 15.40 12.83 -16.41
C LYS D 29 14.18 12.52 -17.27
N ASP D 30 14.36 12.64 -18.58
CA ASP D 30 13.31 12.19 -19.49
C ASP D 30 13.19 10.67 -19.41
N PRO D 31 11.98 10.12 -19.52
CA PRO D 31 11.86 8.66 -19.55
C PRO D 31 12.57 8.09 -20.76
N GLU D 32 13.28 6.99 -20.54
CA GLU D 32 14.12 6.37 -21.57
C GLU D 32 13.38 5.17 -22.13
N LEU D 33 12.90 5.28 -23.36
CA LEU D 33 12.09 4.24 -23.99
C LEU D 33 12.92 3.44 -24.98
N ARG D 34 12.73 2.12 -24.97
CA ARG D 34 13.37 1.23 -25.92
C ARG D 34 12.41 0.08 -26.18
N TYR D 35 12.80 -0.80 -27.11
CA TYR D 35 11.96 -1.94 -27.50
C TYR D 35 12.80 -3.22 -27.48
N THR D 36 12.21 -4.28 -26.92
CA THR D 36 12.87 -5.57 -26.86
C THR D 36 12.97 -6.14 -28.27
N PRO D 37 13.74 -7.22 -28.45
CA PRO D 37 13.84 -7.82 -29.80
C PRO D 37 12.49 -8.16 -30.41
N ASN D 38 11.53 -8.62 -29.62
CA ASN D 38 10.22 -9.04 -30.11
C ASN D 38 9.18 -7.93 -29.99
N GLY D 39 9.59 -6.69 -29.75
CA GLY D 39 8.71 -5.54 -29.88
C GLY D 39 8.18 -4.97 -28.58
N ALA D 40 8.36 -5.64 -27.46
CA ALA D 40 7.82 -5.15 -26.19
C ALA D 40 8.46 -3.82 -25.83
N ALA D 41 7.62 -2.84 -25.50
CA ALA D 41 8.10 -1.53 -25.12
C ALA D 41 8.56 -1.53 -23.66
N VAL D 42 9.62 -0.76 -23.38
CA VAL D 42 10.24 -0.74 -22.06
C VAL D 42 10.61 0.71 -21.76
N ALA D 43 9.87 1.33 -20.85
CA ALA D 43 10.15 2.68 -20.40
C ALA D 43 10.74 2.62 -18.99
N THR D 44 11.83 3.36 -18.79
CA THR D 44 12.48 3.44 -17.49
C THR D 44 12.63 4.91 -17.09
N PHE D 45 12.55 5.15 -15.78
CA PHE D 45 12.72 6.49 -15.25
C PHE D 45 13.03 6.38 -13.76
N THR D 46 13.48 7.48 -13.19
CA THR D 46 13.94 7.53 -11.80
C THR D 46 13.13 8.58 -11.05
N LEU D 47 12.33 8.14 -10.10
CA LEU D 47 11.56 9.06 -9.26
C LEU D 47 12.41 9.54 -8.09
N ALA D 48 12.41 10.84 -7.87
CA ALA D 48 13.03 11.44 -6.69
C ALA D 48 11.92 11.70 -5.67
N VAL D 49 11.81 10.81 -4.69
CA VAL D 49 10.74 10.88 -3.70
C VAL D 49 11.25 11.67 -2.50
N ASN D 50 10.61 12.81 -2.22
CA ASN D 50 11.01 13.64 -1.10
C ASN D 50 10.89 12.85 0.21
N ARG D 51 11.86 13.05 1.09
CA ARG D 51 11.87 12.37 2.38
C ARG D 51 10.96 13.08 3.37
N THR D 52 10.63 12.36 4.44
CA THR D 52 9.75 12.89 5.48
C THR D 52 10.47 13.92 6.34
N ARG D 60 16.12 19.25 2.99
CA ARG D 60 15.37 18.01 2.85
C ARG D 60 15.88 17.21 1.66
N GLU D 61 16.40 16.02 1.93
CA GLU D 61 16.91 15.14 0.89
C GLU D 61 15.77 14.31 0.31
N ALA D 62 16.10 13.48 -0.67
CA ALA D 62 15.11 12.62 -1.31
C ALA D 62 15.76 11.31 -1.71
N ASP D 63 14.91 10.32 -2.00
CA ASP D 63 15.35 9.00 -2.42
C ASP D 63 15.15 8.85 -3.91
N PHE D 64 16.12 8.21 -4.57
CA PHE D 64 16.13 8.07 -6.02
C PHE D 64 15.83 6.61 -6.37
N ILE D 65 14.57 6.33 -6.68
CA ILE D 65 14.09 4.98 -6.95
C ILE D 65 13.96 4.81 -8.45
N ASN D 66 14.38 3.65 -8.96
CA ASN D 66 14.32 3.34 -10.38
C ASN D 66 13.09 2.50 -10.65
N CYS D 67 12.36 2.84 -11.72
CA CYS D 67 11.13 2.17 -12.08
C CYS D 67 11.21 1.65 -13.51
N VAL D 68 10.43 0.61 -13.79
CA VAL D 68 10.40 -0.05 -15.09
C VAL D 68 8.95 -0.22 -15.51
N THR D 69 8.65 0.11 -16.76
CA THR D 69 7.30 0.02 -17.31
C THR D 69 7.33 -0.80 -18.59
N TRP D 70 6.20 -1.42 -18.93
CA TRP D 70 6.14 -2.34 -20.05
C TRP D 70 4.89 -2.09 -20.89
N ARG D 71 5.03 -2.31 -22.19
CA ARG D 71 3.91 -2.37 -23.13
C ARG D 71 3.23 -1.00 -23.18
N ARG D 72 1.89 -0.93 -23.20
CA ARG D 72 1.21 0.34 -23.43
C ARG D 72 1.55 1.36 -22.34
N GLN D 73 1.59 0.91 -21.08
CA GLN D 73 1.93 1.83 -20.00
C GLN D 73 3.30 2.45 -20.21
N ALA D 74 4.21 1.74 -20.88
CA ALA D 74 5.53 2.30 -21.15
C ALA D 74 5.46 3.37 -22.24
N GLU D 75 4.69 3.12 -23.29
CA GLU D 75 4.56 4.11 -24.36
C GLU D 75 3.88 5.39 -23.87
N ASN D 76 2.93 5.25 -22.95
CA ASN D 76 2.27 6.42 -22.39
C ASN D 76 3.21 7.24 -21.51
N VAL D 77 4.05 6.56 -20.73
CA VAL D 77 5.06 7.26 -19.94
C VAL D 77 5.96 8.08 -20.85
N ALA D 78 6.22 7.59 -22.07
CA ALA D 78 7.13 8.28 -22.96
C ALA D 78 6.50 9.53 -23.56
N ASN D 79 5.21 9.46 -23.91
CA ASN D 79 4.55 10.56 -24.60
C ASN D 79 4.13 11.69 -23.66
N PHE D 80 4.18 11.50 -22.35
CA PHE D 80 3.60 12.46 -21.41
C PHE D 80 4.50 12.85 -20.25
N LEU D 81 5.52 12.07 -19.92
CA LEU D 81 6.39 12.39 -18.81
C LEU D 81 7.75 12.85 -19.32
N LYS D 82 8.38 13.72 -18.53
CA LYS D 82 9.70 14.25 -18.85
C LYS D 82 10.38 14.65 -17.56
N LYS D 83 11.57 15.21 -17.68
CA LYS D 83 12.34 15.60 -16.50
C LYS D 83 11.54 16.55 -15.63
N GLY D 84 11.42 16.22 -14.35
CA GLY D 84 10.73 17.04 -13.39
C GLY D 84 9.24 16.79 -13.25
N SER D 85 8.63 16.09 -14.20
CA SER D 85 7.21 15.81 -14.12
C SER D 85 6.89 15.04 -12.85
N LEU D 86 5.77 15.38 -12.23
CA LEU D 86 5.30 14.68 -11.04
C LEU D 86 4.45 13.49 -11.46
N ALA D 87 4.67 12.35 -10.81
CA ALA D 87 3.98 11.12 -11.17
C ALA D 87 3.92 10.20 -9.97
N GLY D 88 3.01 9.24 -10.04
CA GLY D 88 2.87 8.24 -9.01
C GLY D 88 2.81 6.85 -9.60
N VAL D 89 3.53 5.92 -8.98
CA VAL D 89 3.65 4.56 -9.48
C VAL D 89 3.03 3.60 -8.46
N ASP D 90 2.57 2.46 -8.97
CA ASP D 90 2.04 1.38 -8.16
C ASP D 90 2.55 0.09 -8.76
N GLY D 91 3.33 -0.67 -7.99
CA GLY D 91 3.95 -1.88 -8.51
C GLY D 91 4.49 -2.80 -7.44
N ARG D 92 5.55 -3.53 -7.80
CA ARG D 92 6.18 -4.51 -6.94
C ARG D 92 7.69 -4.28 -6.95
N LEU D 93 8.36 -4.78 -5.91
CA LEU D 93 9.81 -4.69 -5.81
C LEU D 93 10.44 -5.91 -6.47
N GLN D 94 11.42 -5.66 -7.34
CA GLN D 94 12.19 -6.71 -7.97
C GLN D 94 13.66 -6.56 -7.59
N THR D 95 14.39 -7.67 -7.65
CA THR D 95 15.83 -7.66 -7.51
C THR D 95 16.42 -8.52 -8.61
N ARG D 96 17.68 -8.24 -8.94
CA ARG D 96 18.37 -9.01 -9.96
C ARG D 96 19.87 -8.80 -9.82
N ASN D 97 20.63 -9.88 -9.98
CA ASN D 97 22.08 -9.81 -9.84
C ASN D 97 22.71 -9.14 -11.05
N TYR D 98 23.88 -8.55 -10.82
CA TYR D 98 24.60 -7.84 -11.88
C TYR D 98 26.08 -7.91 -11.56
N GLU D 99 26.89 -7.98 -12.61
CA GLU D 99 28.35 -8.03 -12.49
C GLU D 99 28.93 -6.84 -13.25
N ASN D 100 29.51 -5.90 -12.51
CA ASN D 100 29.99 -4.67 -13.11
C ASN D 100 31.37 -4.89 -13.73
N GLN D 101 31.90 -3.82 -14.35
CA GLN D 101 33.22 -3.91 -14.95
C GLN D 101 34.31 -4.07 -13.89
N GLN D 102 34.06 -3.58 -12.67
CA GLN D 102 35.01 -3.71 -11.57
C GLN D 102 35.02 -5.11 -10.97
N GLY D 103 34.13 -6.00 -11.41
CA GLY D 103 34.11 -7.37 -10.96
C GLY D 103 33.16 -7.66 -9.81
N GLN D 104 32.92 -6.68 -8.94
CA GLN D 104 32.06 -6.88 -7.78
C GLN D 104 30.63 -7.14 -8.23
N ARG D 105 29.98 -8.10 -7.56
CA ARG D 105 28.58 -8.42 -7.85
C ARG D 105 27.67 -7.38 -7.20
N VAL D 106 26.78 -6.79 -8.00
CA VAL D 106 25.90 -5.73 -7.55
C VAL D 106 24.48 -6.26 -7.43
N PHE D 107 23.73 -5.70 -6.49
CA PHE D 107 22.33 -6.01 -6.29
C PHE D 107 21.49 -4.80 -6.67
N VAL D 108 20.60 -4.98 -7.63
CA VAL D 108 19.71 -3.92 -8.09
C VAL D 108 18.33 -4.14 -7.49
N THR D 109 17.62 -3.04 -7.25
CA THR D 109 16.24 -3.10 -6.78
C THR D 109 15.43 -2.07 -7.55
N GLU D 110 14.41 -2.55 -8.27
CA GLU D 110 13.59 -1.71 -9.12
C GLU D 110 12.13 -1.81 -8.70
N VAL D 111 11.32 -0.91 -9.24
CA VAL D 111 9.88 -0.90 -9.03
C VAL D 111 9.23 -1.28 -10.36
N GLN D 112 8.72 -2.50 -10.45
CA GLN D 112 7.96 -2.91 -11.62
C GLN D 112 6.60 -2.24 -11.59
N ALA D 113 6.54 -1.01 -12.09
CA ALA D 113 5.30 -0.24 -12.06
C ALA D 113 4.28 -0.82 -13.02
N GLU D 114 3.17 -1.33 -12.48
CA GLU D 114 2.07 -1.79 -13.31
C GLU D 114 1.09 -0.68 -13.65
N SER D 115 1.06 0.38 -12.85
CA SER D 115 0.20 1.53 -13.08
C SER D 115 0.99 2.80 -12.81
N VAL D 116 0.73 3.83 -13.61
CA VAL D 116 1.40 5.12 -13.46
C VAL D 116 0.35 6.21 -13.61
N GLN D 117 0.24 7.06 -12.59
CA GLN D 117 -0.69 8.18 -12.61
C GLN D 117 0.09 9.45 -12.92
N PHE D 118 -0.40 10.22 -13.90
CA PHE D 118 0.19 11.49 -14.26
C PHE D 118 -0.43 12.57 -13.38
N LEU D 119 0.36 13.13 -12.47
CA LEU D 119 -0.11 14.18 -11.59
C LEU D 119 0.05 15.56 -12.21
N GLU D 120 1.09 15.75 -13.03
CA GLU D 120 1.28 16.97 -13.79
C GLU D 120 1.19 18.21 -12.89
#